data_3Q30
#
_entry.id   3Q30
#
_cell.length_a   85.973
_cell.length_b   59.526
_cell.length_c   84.139
_cell.angle_alpha   90.00
_cell.angle_beta   115.71
_cell.angle_gamma   90.00
#
_symmetry.space_group_name_H-M   'C 1 2 1'
#
loop_
_entity.id
_entity.type
_entity.pdbx_description
1 polymer 'Squalene synthase'
2 non-polymer 'MAGNESIUM ION'
3 non-polymer '(2R,3R)-2-(carboxymethoxy)-4-{[5-(naphthalen-2-yl)pentyl]amino}-3-{[5-(naphthalen-2-yl)pentyl]oxy}-4-oxobutanoic acid'
4 non-polymer 'PHOSPHATE ION'
5 water water
#
_entity_poly.entity_id   1
_entity_poly.type   'polypeptide(L)'
_entity_poly.pdbx_seq_one_letter_code
;MDQDSLSSSLKTCYKYLNQTSRSFAAVIQALDGEMRNAVCIFYLVLRALDTLEDDMTISVEKKVPLLHNFHSFLYQPDWR
FMESKEKDRQVLEDFPTISLEFRNLAEKYQTVIADICRRMGIGMAEFLDKHVTSEQEWDKYCHYVAGLVGIGLSRLFSAS
EFEDPLVGEDTERANSMGLFLQKTNIIRDYLEDQQGGREFWPQEVWSRYVKKLGDFAKPENIDLAVQCLNELITNALHHI
PDVITYLSRLRNQSVFNFCAIPQVMAIATLAACYNNQQVFKGAVKIRKGQAVTLMMDATNMPAVKAIIYQYMEEIYHRIP
DSDPSSSKTRQIISTIRTQN
;
_entity_poly.pdbx_strand_id   A
#
# COMPACT_ATOMS: atom_id res chain seq x y z
N LEU A 6 -5.54 29.05 -4.08
CA LEU A 6 -6.45 27.88 -3.77
C LEU A 6 -7.67 28.32 -2.99
N SER A 7 -8.82 27.74 -3.32
CA SER A 7 -10.08 27.97 -2.61
C SER A 7 -9.98 27.53 -1.16
N SER A 8 -10.92 27.97 -0.32
CA SER A 8 -10.93 27.54 1.06
C SER A 8 -11.12 26.03 1.15
N SER A 9 -12.02 25.45 0.35
CA SER A 9 -12.29 24.03 0.46
C SER A 9 -11.09 23.20 -0.01
N LEU A 10 -10.33 23.69 -0.98
CA LEU A 10 -9.15 22.97 -1.44
C LEU A 10 -8.03 23.07 -0.40
N LYS A 11 -7.94 24.23 0.25
CA LYS A 11 -6.96 24.35 1.31
C LYS A 11 -7.24 23.41 2.49
N THR A 12 -8.50 23.24 2.84
CA THR A 12 -8.87 22.32 3.91
C THR A 12 -8.47 20.85 3.55
N CYS A 13 -8.60 20.51 2.25
CA CYS A 13 -8.20 19.19 1.71
C CYS A 13 -6.71 18.96 1.88
N TYR A 14 -5.91 19.96 1.56
CA TYR A 14 -4.48 19.78 1.73
C TYR A 14 -4.06 19.70 3.20
N LYS A 15 -4.80 20.41 4.05
CA LYS A 15 -4.65 20.27 5.49
C LYS A 15 -4.91 18.84 5.95
N TYR A 16 -6.00 18.23 5.49
CA TYR A 16 -6.28 16.83 5.84
C TYR A 16 -5.22 15.88 5.32
N LEU A 17 -4.73 16.16 4.11
CA LEU A 17 -3.67 15.37 3.49
C LEU A 17 -2.44 15.42 4.37
N ASN A 18 -2.06 16.62 4.79
CA ASN A 18 -0.88 16.80 5.64
C ASN A 18 -1.02 16.12 7.01
N GLN A 19 -2.24 16.05 7.54
CA GLN A 19 -2.52 15.39 8.82
C GLN A 19 -2.73 13.87 8.74
N THR A 20 -3.21 13.38 7.60
CA THR A 20 -3.49 11.95 7.50
C THR A 20 -2.33 11.14 6.93
N SER A 21 -1.52 11.75 6.06
CA SER A 21 -0.24 11.16 5.64
C SER A 21 0.97 11.61 6.50
N ALA A 25 3.55 13.63 1.42
CA ALA A 25 2.60 14.73 1.36
C ALA A 25 3.17 15.88 0.55
N ALA A 26 4.40 16.30 0.88
CA ALA A 26 5.14 17.22 0.03
C ALA A 26 5.42 16.53 -1.31
N VAL A 27 5.44 15.20 -1.29
CA VAL A 27 5.63 14.43 -2.52
C VAL A 27 4.41 14.57 -3.43
N ILE A 28 3.23 14.32 -2.87
CA ILE A 28 1.99 14.67 -3.56
C ILE A 28 1.99 16.15 -3.99
N GLN A 29 2.38 17.05 -3.09
CA GLN A 29 2.36 18.47 -3.43
C GLN A 29 3.40 18.86 -4.48
N ALA A 30 4.44 18.05 -4.64
CA ALA A 30 5.41 18.32 -5.71
C ALA A 30 4.97 17.88 -7.11
N LEU A 31 3.84 17.18 -7.20
CA LEU A 31 3.33 16.67 -8.45
C LEU A 31 3.01 17.82 -9.42
N ASP A 32 3.39 17.67 -10.69
CA ASP A 32 3.16 18.68 -11.73
C ASP A 32 1.69 18.88 -12.10
N GLY A 33 1.32 20.13 -12.40
CA GLY A 33 0.04 20.46 -13.02
C GLY A 33 -1.19 19.94 -12.32
N GLU A 34 -2.10 19.38 -13.13
CA GLU A 34 -3.39 18.84 -12.68
C GLU A 34 -3.27 17.56 -11.86
N MET A 35 -2.14 16.87 -11.96
CA MET A 35 -1.91 15.67 -11.15
C MET A 35 -1.94 15.95 -9.66
N ARG A 36 -1.48 17.13 -9.26
CA ARG A 36 -1.39 17.41 -7.87
C ARG A 36 -2.75 17.34 -7.15
N ASN A 37 -3.76 18.03 -7.68
CA ASN A 37 -5.07 18.04 -6.97
C ASN A 37 -5.77 16.70 -7.15
N ALA A 38 -5.60 16.08 -8.32
CA ALA A 38 -6.29 14.79 -8.58
C ALA A 38 -5.78 13.73 -7.57
N VAL A 39 -4.50 13.76 -7.29
CA VAL A 39 -3.92 12.73 -6.41
C VAL A 39 -4.24 13.11 -4.95
N CYS A 40 -4.17 14.39 -4.61
CA CYS A 40 -4.57 14.81 -3.27
C CYS A 40 -5.98 14.27 -2.96
N ILE A 41 -6.94 14.49 -3.85
CA ILE A 41 -8.36 14.10 -3.63
C ILE A 41 -8.52 12.57 -3.69
N PHE A 42 -7.79 11.92 -4.59
CA PHE A 42 -7.82 10.43 -4.65
C PHE A 42 -7.38 9.80 -3.32
N TYR A 43 -6.35 10.42 -2.75
CA TYR A 43 -5.84 9.99 -1.46
C TYR A 43 -6.91 10.08 -0.39
N LEU A 44 -7.51 11.27 -0.26
CA LEU A 44 -8.46 11.55 0.80
C LEU A 44 -9.71 10.71 0.64
N VAL A 45 -10.12 10.52 -0.59
CA VAL A 45 -11.30 9.69 -0.87
C VAL A 45 -11.01 8.23 -0.45
N LEU A 46 -9.86 7.69 -0.78
CA LEU A 46 -9.62 6.28 -0.45
C LEU A 46 -9.28 6.10 1.00
N ARG A 47 -8.68 7.11 1.61
CA ARG A 47 -8.49 7.09 3.08
C ARG A 47 -9.82 7.16 3.83
N ALA A 48 -10.79 7.90 3.30
CA ALA A 48 -12.16 7.90 3.84
C ALA A 48 -12.82 6.51 3.73
N LEU A 49 -12.78 5.89 2.54
CA LEU A 49 -13.29 4.55 2.38
C LEU A 49 -12.59 3.60 3.34
N ASP A 50 -11.27 3.72 3.43
CA ASP A 50 -10.55 2.78 4.32
C ASP A 50 -10.87 3.02 5.81
N THR A 51 -11.17 4.25 6.15
CA THR A 51 -11.57 4.62 7.48
C THR A 51 -12.90 4.00 7.92
N LEU A 52 -13.83 3.89 6.98
CA LEU A 52 -15.05 3.05 7.13
C LEU A 52 -14.68 1.58 7.30
N GLU A 53 -13.86 1.08 6.39
CA GLU A 53 -13.48 -0.34 6.37
C GLU A 53 -12.77 -0.76 7.66
N ASP A 54 -11.87 0.06 8.17
CA ASP A 54 -11.08 -0.25 9.37
C ASP A 54 -11.94 -0.17 10.63
N ASP A 55 -13.06 0.53 10.56
CA ASP A 55 -13.84 0.76 11.78
C ASP A 55 -14.61 -0.46 12.23
N MET A 56 -14.12 -1.10 13.30
CA MET A 56 -14.74 -2.31 13.83
C MET A 56 -15.98 -2.00 14.68
N THR A 57 -16.28 -0.71 14.89
CA THR A 57 -17.54 -0.33 15.52
C THR A 57 -18.72 -0.22 14.52
N ILE A 58 -18.46 -0.48 13.23
CA ILE A 58 -19.52 -0.41 12.24
C ILE A 58 -19.88 -1.84 11.90
N SER A 59 -21.11 -2.24 12.21
CA SER A 59 -21.55 -3.61 11.89
C SER A 59 -21.35 -3.90 10.40
N VAL A 60 -21.08 -5.16 10.09
CA VAL A 60 -21.00 -5.64 8.72
C VAL A 60 -22.28 -5.25 7.93
N GLU A 61 -23.42 -5.26 8.62
CA GLU A 61 -24.66 -4.88 8.00
C GLU A 61 -24.64 -3.45 7.50
N LYS A 62 -24.09 -2.55 8.31
CA LYS A 62 -23.94 -1.11 7.99
C LYS A 62 -22.76 -0.89 7.01
N LYS A 63 -21.69 -1.61 7.24
CA LYS A 63 -20.45 -1.40 6.50
C LYS A 63 -20.56 -1.72 5.02
N VAL A 64 -21.21 -2.85 4.70
CA VAL A 64 -21.35 -3.35 3.36
C VAL A 64 -21.90 -2.31 2.36
N PRO A 65 -23.12 -1.77 2.61
CA PRO A 65 -23.65 -0.71 1.72
C PRO A 65 -22.75 0.50 1.70
N LEU A 66 -22.14 0.82 2.84
CA LEU A 66 -21.22 1.97 2.91
C LEU A 66 -20.05 1.72 1.95
N LEU A 67 -19.52 0.49 1.93
CA LEU A 67 -18.37 0.15 1.02
C LEU A 67 -18.84 0.11 -0.43
N HIS A 68 -19.95 -0.59 -0.70
CA HIS A 68 -20.48 -0.73 -2.05
C HIS A 68 -20.89 0.58 -2.69
N ASN A 69 -21.43 1.48 -1.87
CA ASN A 69 -22.02 2.74 -2.36
C ASN A 69 -21.11 3.97 -2.22
N PHE A 70 -19.93 3.77 -1.64
CA PHE A 70 -19.04 4.91 -1.43
C PHE A 70 -18.79 5.69 -2.72
N HIS A 71 -18.58 4.97 -3.83
CA HIS A 71 -18.37 5.62 -5.13
C HIS A 71 -19.51 6.58 -5.52
N SER A 72 -20.74 6.26 -5.10
CA SER A 72 -21.88 7.17 -5.38
C SER A 72 -21.88 8.40 -4.50
N PHE A 73 -21.41 8.27 -3.25
CA PHE A 73 -21.39 9.39 -2.29
C PHE A 73 -20.57 10.60 -2.78
N LEU A 74 -19.60 10.30 -3.64
CA LEU A 74 -18.74 11.31 -4.23
C LEU A 74 -19.60 12.32 -4.99
N TYR A 75 -20.74 11.86 -5.51
CA TYR A 75 -21.61 12.67 -6.34
C TYR A 75 -22.80 13.27 -5.54
N GLN A 76 -22.87 12.94 -4.25
CA GLN A 76 -23.89 13.43 -3.30
C GLN A 76 -23.28 14.56 -2.43
N PRO A 77 -23.51 15.85 -2.84
CA PRO A 77 -22.88 16.97 -2.12
C PRO A 77 -23.04 16.96 -0.58
N ASP A 78 -24.15 16.44 -0.06
CA ASP A 78 -24.39 16.54 1.41
C ASP A 78 -24.02 15.29 2.22
N TRP A 79 -23.47 14.27 1.56
CA TRP A 79 -23.13 13.01 2.25
C TRP A 79 -21.94 13.19 3.19
N ARG A 80 -22.11 12.76 4.43
CA ARG A 80 -21.02 12.68 5.40
C ARG A 80 -21.38 11.50 6.28
N PHE A 81 -20.46 11.09 7.14
CA PHE A 81 -20.71 9.99 8.05
C PHE A 81 -20.19 10.45 9.40
N MET A 82 -21.08 10.35 10.39
CA MET A 82 -20.89 11.00 11.66
C MET A 82 -20.66 10.02 12.78
N GLU A 83 -20.61 8.73 12.46
CA GLU A 83 -20.58 7.67 13.48
C GLU A 83 -19.25 6.93 13.58
N SER A 84 -18.21 7.45 12.94
CA SER A 84 -16.90 6.78 12.95
C SER A 84 -16.23 6.94 14.30
N LYS A 85 -15.53 5.90 14.72
CA LYS A 85 -14.68 5.97 15.90
C LYS A 85 -13.18 5.85 15.59
N GLU A 86 -12.78 6.16 14.35
CA GLU A 86 -11.35 6.17 13.98
C GLU A 86 -10.74 7.56 14.16
N LYS A 87 -9.42 7.60 14.05
CA LYS A 87 -8.65 8.83 14.22
C LYS A 87 -8.91 9.84 13.08
N ASP A 88 -8.80 9.35 11.84
CA ASP A 88 -9.01 10.13 10.63
C ASP A 88 -10.48 10.46 10.36
N ARG A 89 -11.36 10.33 11.35
CA ARG A 89 -12.80 10.46 11.12
C ARG A 89 -13.21 11.83 10.54
N GLN A 90 -12.29 12.79 10.61
CA GLN A 90 -12.50 14.13 10.06
C GLN A 90 -12.84 14.11 8.57
N VAL A 91 -12.10 13.30 7.79
CA VAL A 91 -12.40 13.20 6.34
C VAL A 91 -13.82 12.65 6.02
N LEU A 92 -14.39 11.91 6.97
CA LEU A 92 -15.74 11.37 6.79
C LEU A 92 -16.76 12.41 7.24
N GLU A 93 -16.47 13.06 8.38
CA GLU A 93 -17.36 14.10 8.89
C GLU A 93 -17.39 15.35 8.01
N ASP A 94 -16.25 15.72 7.43
CA ASP A 94 -16.18 16.86 6.49
C ASP A 94 -16.14 16.37 5.03
N PHE A 95 -16.79 15.25 4.75
CA PHE A 95 -16.67 14.63 3.42
C PHE A 95 -17.22 15.55 2.31
N PRO A 96 -18.31 16.27 2.60
CA PRO A 96 -18.81 17.23 1.64
C PRO A 96 -17.72 18.17 1.11
N THR A 97 -16.78 18.54 1.94
CA THR A 97 -15.68 19.40 1.51
C THR A 97 -14.78 18.65 0.50
N ILE A 98 -14.56 17.35 0.71
CA ILE A 98 -13.73 16.56 -0.21
C ILE A 98 -14.45 16.23 -1.51
N SER A 99 -15.74 15.91 -1.41
CA SER A 99 -16.52 15.53 -2.56
C SER A 99 -16.79 16.78 -3.44
N LEU A 100 -16.90 17.96 -2.83
CA LEU A 100 -16.94 19.24 -3.61
C LEU A 100 -15.70 19.35 -4.53
N GLU A 101 -14.55 19.14 -3.93
CA GLU A 101 -13.29 19.23 -4.66
C GLU A 101 -13.13 18.09 -5.63
N PHE A 102 -13.53 16.87 -5.24
CA PHE A 102 -13.64 15.82 -6.24
C PHE A 102 -14.44 16.32 -7.46
N ARG A 103 -15.61 16.90 -7.22
CA ARG A 103 -16.50 17.28 -8.36
C ARG A 103 -15.98 18.51 -9.13
N ASN A 104 -15.01 19.19 -8.54
CA ASN A 104 -14.35 20.29 -9.20
C ASN A 104 -13.20 19.79 -10.05
N LEU A 105 -12.91 18.49 -9.97
CA LEU A 105 -11.80 17.94 -10.80
C LEU A 105 -12.25 17.83 -12.24
N ALA A 106 -11.32 17.87 -13.19
CA ALA A 106 -11.68 17.50 -14.56
C ALA A 106 -12.30 16.11 -14.53
N GLU A 107 -13.26 15.89 -15.44
CA GLU A 107 -14.00 14.63 -15.50
C GLU A 107 -13.15 13.39 -15.73
N LYS A 108 -12.11 13.52 -16.55
CA LYS A 108 -11.21 12.39 -16.76
C LYS A 108 -10.54 11.88 -15.49
N TYR A 109 -10.35 12.77 -14.49
CA TYR A 109 -9.80 12.38 -13.18
C TYR A 109 -10.88 11.85 -12.23
N GLN A 110 -12.03 12.53 -12.22
CA GLN A 110 -13.19 12.10 -11.42
C GLN A 110 -13.57 10.66 -11.72
N THR A 111 -13.59 10.31 -13.01
CA THR A 111 -14.08 9.00 -13.44
C THR A 111 -13.09 7.88 -13.07
N VAL A 112 -11.80 8.21 -13.08
CA VAL A 112 -10.80 7.30 -12.59
C VAL A 112 -11.04 6.96 -11.13
N ILE A 113 -11.15 8.01 -10.31
CA ILE A 113 -11.31 7.92 -8.86
C ILE A 113 -12.60 7.19 -8.49
N ALA A 114 -13.70 7.55 -9.16
CA ALA A 114 -15.00 6.92 -8.91
C ALA A 114 -14.94 5.41 -9.20
N ASP A 115 -14.31 5.02 -10.31
CA ASP A 115 -14.22 3.61 -10.73
C ASP A 115 -13.42 2.75 -9.75
N ILE A 116 -12.32 3.31 -9.27
CA ILE A 116 -11.47 2.61 -8.31
C ILE A 116 -12.16 2.48 -6.96
N CYS A 117 -12.81 3.55 -6.53
CA CYS A 117 -13.60 3.50 -5.33
C CYS A 117 -14.64 2.40 -5.41
N ARG A 118 -15.31 2.32 -6.56
CA ARG A 118 -16.36 1.33 -6.76
C ARG A 118 -15.76 -0.07 -6.61
N ARG A 119 -14.64 -0.32 -7.29
CA ARG A 119 -14.05 -1.67 -7.33
C ARG A 119 -13.40 -2.08 -6.00
N MET A 120 -12.69 -1.16 -5.35
CA MET A 120 -12.10 -1.38 -4.03
C MET A 120 -13.20 -1.65 -3.00
N GLY A 121 -14.31 -0.92 -3.12
CA GLY A 121 -15.42 -1.12 -2.18
C GLY A 121 -16.01 -2.53 -2.28
N ILE A 122 -16.12 -3.05 -3.50
CA ILE A 122 -16.68 -4.41 -3.68
C ILE A 122 -15.68 -5.36 -3.00
N GLY A 123 -14.39 -5.13 -3.23
CA GLY A 123 -13.37 -6.07 -2.77
C GLY A 123 -13.25 -6.01 -1.24
N MET A 124 -13.26 -4.82 -0.68
CA MET A 124 -13.22 -4.67 0.75
C MET A 124 -14.44 -5.38 1.38
N ALA A 125 -15.63 -5.19 0.81
CA ALA A 125 -16.83 -5.76 1.42
C ALA A 125 -16.70 -7.29 1.36
N GLU A 126 -16.10 -7.82 0.29
CA GLU A 126 -15.86 -9.28 0.16
C GLU A 126 -15.02 -9.86 1.32
N PHE A 127 -14.03 -9.12 1.82
CA PHE A 127 -13.15 -9.63 2.86
C PHE A 127 -13.55 -9.33 4.31
N LEU A 128 -14.71 -8.66 4.53
CA LEU A 128 -15.11 -8.37 5.90
C LEU A 128 -15.41 -9.69 6.59
N ASP A 129 -15.74 -10.63 5.73
CA ASP A 129 -16.32 -11.94 5.97
C ASP A 129 -15.27 -13.01 6.32
N LYS A 130 -14.01 -12.79 5.94
CA LYS A 130 -13.01 -13.85 5.97
C LYS A 130 -11.58 -13.35 6.23
N HIS A 131 -10.70 -14.27 6.63
CA HIS A 131 -9.28 -13.99 6.68
C HIS A 131 -8.65 -14.40 5.35
N VAL A 132 -7.37 -14.15 5.18
CA VAL A 132 -6.72 -14.51 3.94
C VAL A 132 -6.26 -15.95 4.14
N THR A 133 -6.67 -16.81 3.22
CA THR A 133 -6.26 -18.23 3.24
C THR A 133 -5.02 -18.47 2.38
N SER A 134 -5.24 -18.63 1.07
CA SER A 134 -4.15 -18.94 0.17
C SER A 134 -3.33 -17.74 -0.19
N GLU A 135 -2.16 -18.01 -0.78
CA GLU A 135 -1.34 -16.95 -1.37
C GLU A 135 -2.12 -16.25 -2.50
N GLN A 136 -2.97 -17.00 -3.20
CA GLN A 136 -3.83 -16.39 -4.20
C GLN A 136 -4.80 -15.40 -3.57
N GLU A 137 -5.30 -15.72 -2.38
CA GLU A 137 -6.24 -14.82 -1.70
C GLU A 137 -5.51 -13.61 -1.20
N TRP A 138 -4.28 -13.79 -0.77
CA TRP A 138 -3.49 -12.66 -0.30
C TRP A 138 -3.34 -11.67 -1.46
N ASP A 139 -2.98 -12.17 -2.65
CA ASP A 139 -2.87 -11.34 -3.85
C ASP A 139 -4.19 -10.61 -4.21
N LYS A 140 -5.33 -11.30 -4.00
CA LYS A 140 -6.61 -10.73 -4.32
C LYS A 140 -6.91 -9.60 -3.34
N TYR A 141 -6.87 -9.90 -2.03
CA TYR A 141 -6.99 -8.88 -1.01
C TYR A 141 -6.05 -7.68 -1.27
N CYS A 142 -4.77 -7.94 -1.49
CA CYS A 142 -3.85 -6.81 -1.73
C CYS A 142 -4.20 -6.00 -2.96
N HIS A 143 -4.75 -6.65 -4.00
CA HIS A 143 -5.22 -5.98 -5.25
C HIS A 143 -6.38 -5.05 -4.90
N TYR A 144 -7.33 -5.60 -4.16
CA TYR A 144 -8.47 -4.80 -3.74
C TYR A 144 -8.06 -3.53 -2.99
N VAL A 145 -7.10 -3.65 -2.05
CA VAL A 145 -6.86 -2.54 -1.14
C VAL A 145 -5.64 -1.70 -1.51
N ALA A 146 -4.78 -2.23 -2.38
CA ALA A 146 -3.50 -1.57 -2.68
C ALA A 146 -3.15 -1.59 -4.19
N GLY A 147 -3.33 -2.74 -4.81
CA GLY A 147 -3.10 -2.82 -6.25
C GLY A 147 -3.96 -1.85 -7.02
N LEU A 148 -5.23 -1.72 -6.61
CA LEU A 148 -6.16 -0.80 -7.27
C LEU A 148 -5.75 0.66 -7.09
N VAL A 149 -5.07 0.98 -6.01
CA VAL A 149 -4.50 2.36 -5.82
C VAL A 149 -3.41 2.63 -6.88
N GLY A 150 -2.50 1.67 -7.06
CA GLY A 150 -1.53 1.73 -8.16
C GLY A 150 -2.17 1.93 -9.52
N ILE A 151 -3.22 1.17 -9.77
CA ILE A 151 -3.95 1.27 -11.00
C ILE A 151 -4.55 2.67 -11.17
N GLY A 152 -5.28 3.13 -10.16
CA GLY A 152 -5.86 4.44 -10.24
C GLY A 152 -4.84 5.56 -10.47
N LEU A 153 -3.77 5.55 -9.68
CA LEU A 153 -2.70 6.53 -9.83
C LEU A 153 -2.13 6.51 -11.23
N SER A 154 -1.88 5.29 -11.72
CA SER A 154 -1.30 5.18 -13.05
C SER A 154 -2.19 5.83 -14.11
N ARG A 155 -3.52 5.70 -13.96
CA ARG A 155 -4.45 6.23 -14.93
C ARG A 155 -4.54 7.75 -14.87
N LEU A 156 -4.42 8.31 -13.66
CA LEU A 156 -4.24 9.76 -13.52
C LEU A 156 -3.00 10.29 -14.23
N PHE A 157 -1.89 9.57 -14.07
CA PHE A 157 -0.66 9.97 -14.75
C PHE A 157 -0.90 9.99 -16.24
N SER A 158 -1.50 8.93 -16.80
CA SER A 158 -1.70 8.86 -18.24
C SER A 158 -2.81 9.82 -18.71
N ALA A 159 -3.86 10.03 -17.88
CA ALA A 159 -5.05 10.79 -18.29
C ALA A 159 -4.68 12.28 -18.28
N SER A 160 -3.75 12.63 -17.40
CA SER A 160 -3.19 13.96 -17.32
C SER A 160 -2.14 14.19 -18.47
N GLU A 161 -1.82 13.12 -19.19
CA GLU A 161 -0.84 13.09 -20.28
C GLU A 161 0.61 13.47 -19.89
N PHE A 162 0.92 13.46 -18.60
CA PHE A 162 2.32 13.55 -18.14
C PHE A 162 3.08 12.25 -18.37
N GLU A 163 2.38 11.11 -18.43
CA GLU A 163 3.01 9.83 -18.78
C GLU A 163 2.34 9.12 -19.97
N ASP A 164 3.08 8.23 -20.63
CA ASP A 164 2.58 7.48 -21.78
C ASP A 164 1.29 6.72 -21.38
N PRO A 165 0.36 6.49 -22.34
CA PRO A 165 -0.81 5.62 -22.08
C PRO A 165 -0.46 4.27 -21.48
N LEU A 166 0.70 3.69 -21.81
CA LEU A 166 1.06 2.39 -21.28
C LEU A 166 1.07 2.39 -19.75
N VAL A 167 1.50 3.49 -19.15
CA VAL A 167 1.54 3.57 -17.68
C VAL A 167 0.12 3.30 -17.15
N GLY A 168 -0.86 3.98 -17.71
CA GLY A 168 -2.24 3.77 -17.28
C GLY A 168 -2.82 2.40 -17.63
N GLU A 169 -2.35 1.79 -18.74
CA GLU A 169 -2.97 0.53 -19.17
C GLU A 169 -2.39 -0.80 -18.58
N ASP A 170 -1.09 -0.81 -18.29
CA ASP A 170 -0.46 -2.03 -17.80
C ASP A 170 -0.82 -2.23 -16.36
N THR A 171 -1.97 -2.87 -16.14
CA THR A 171 -2.55 -2.92 -14.80
C THR A 171 -1.74 -3.83 -13.89
N GLU A 172 -1.07 -4.83 -14.46
CA GLU A 172 -0.30 -5.77 -13.62
C GLU A 172 0.90 -5.10 -12.99
N ARG A 173 1.63 -4.29 -13.78
CA ARG A 173 2.82 -3.59 -13.24
C ARG A 173 2.40 -2.62 -12.13
N ALA A 174 1.36 -1.86 -12.41
CA ALA A 174 0.76 -0.98 -11.42
C ALA A 174 0.22 -1.78 -10.24
N ASN A 175 -0.44 -2.90 -10.51
CA ASN A 175 -0.89 -3.75 -9.41
C ASN A 175 0.33 -4.11 -8.50
N SER A 176 1.42 -4.53 -9.14
CA SER A 176 2.58 -5.04 -8.41
C SER A 176 3.18 -3.96 -7.52
N MET A 177 3.14 -2.71 -7.99
CA MET A 177 3.57 -1.60 -7.16
C MET A 177 2.82 -1.54 -5.82
N GLY A 178 1.51 -1.71 -5.90
CA GLY A 178 0.67 -1.59 -4.66
C GLY A 178 0.82 -2.84 -3.80
N LEU A 179 0.95 -4.02 -4.43
CA LEU A 179 1.17 -5.24 -3.68
C LEU A 179 2.49 -5.24 -2.90
N PHE A 180 3.57 -4.75 -3.50
CA PHE A 180 4.83 -4.69 -2.76
C PHE A 180 4.64 -3.89 -1.48
N LEU A 181 4.07 -2.69 -1.62
CA LEU A 181 3.90 -1.81 -0.48
C LEU A 181 3.03 -2.42 0.58
N GLN A 182 1.91 -2.98 0.15
CA GLN A 182 0.94 -3.50 1.10
C GLN A 182 1.42 -4.77 1.79
N LYS A 183 2.09 -5.67 1.05
CA LYS A 183 2.68 -6.86 1.69
C LYS A 183 3.75 -6.47 2.68
N THR A 184 4.57 -5.49 2.31
CA THR A 184 5.65 -5.04 3.21
C THR A 184 5.06 -4.61 4.56
N ASN A 185 4.01 -3.82 4.47
CA ASN A 185 3.28 -3.27 5.59
C ASN A 185 2.68 -4.41 6.41
N ILE A 186 1.98 -5.35 5.77
CA ILE A 186 1.34 -6.49 6.47
C ILE A 186 2.38 -7.36 7.22
N ILE A 187 3.48 -7.61 6.52
CA ILE A 187 4.62 -8.35 7.10
C ILE A 187 5.15 -7.71 8.36
N ARG A 188 5.53 -6.45 8.24
CA ARG A 188 6.12 -5.68 9.32
C ARG A 188 5.16 -5.49 10.49
N ASP A 189 3.85 -5.38 10.18
CA ASP A 189 2.81 -5.08 11.18
C ASP A 189 2.25 -6.32 11.93
N TYR A 190 2.89 -7.47 11.73
CA TYR A 190 2.45 -8.69 12.44
C TYR A 190 1.91 -8.46 13.86
N LEU A 191 2.70 -7.83 14.75
CA LEU A 191 2.33 -7.83 16.17
C LEU A 191 1.22 -6.84 16.55
N GLU A 192 1.32 -5.62 16.03
CA GLU A 192 0.28 -4.65 16.31
C GLU A 192 -1.05 -5.12 15.72
N ASP A 193 -1.01 -5.71 14.53
CA ASP A 193 -2.22 -6.36 13.99
C ASP A 193 -2.74 -7.45 14.89
N GLN A 194 -1.86 -8.37 15.29
CA GLN A 194 -2.22 -9.49 16.16
C GLN A 194 -2.87 -8.97 17.45
N GLN A 195 -2.25 -7.97 18.03
CA GLN A 195 -2.74 -7.38 19.26
C GLN A 195 -4.02 -6.52 19.10
N GLY A 196 -4.47 -6.36 17.87
CA GLY A 196 -5.69 -5.60 17.61
C GLY A 196 -6.78 -6.47 17.05
N GLY A 197 -6.58 -7.79 17.10
CA GLY A 197 -7.56 -8.74 16.59
C GLY A 197 -7.55 -8.95 15.09
N ARG A 198 -6.53 -8.45 14.40
CA ARG A 198 -6.46 -8.50 12.95
C ARG A 198 -5.51 -9.58 12.48
N GLU A 199 -5.93 -10.36 11.49
CA GLU A 199 -5.11 -11.41 10.88
C GLU A 199 -5.06 -11.16 9.39
N PHE A 200 -3.88 -10.83 8.86
CA PHE A 200 -3.69 -10.57 7.44
C PHE A 200 -2.67 -11.49 6.78
N TRP A 201 -1.88 -12.20 7.58
CA TRP A 201 -0.87 -13.13 7.07
C TRP A 201 -1.67 -14.33 6.54
N PRO A 202 -1.32 -14.83 5.34
CA PRO A 202 -2.08 -15.88 4.68
C PRO A 202 -1.96 -17.20 5.45
N GLN A 203 -3.10 -17.74 5.86
CA GLN A 203 -3.18 -19.01 6.62
C GLN A 203 -2.47 -20.17 5.95
N GLU A 204 -2.60 -20.29 4.63
CA GLU A 204 -1.82 -21.25 3.86
C GLU A 204 -0.33 -21.25 4.23
N VAL A 205 0.23 -20.07 4.53
CA VAL A 205 1.64 -19.98 4.87
C VAL A 205 1.85 -20.20 6.35
N TRP A 206 1.20 -19.41 7.22
CA TRP A 206 1.48 -19.54 8.65
C TRP A 206 1.13 -20.91 9.22
N SER A 207 0.10 -21.56 8.64
CA SER A 207 -0.45 -22.84 9.16
C SER A 207 0.53 -23.96 8.95
N ARG A 208 1.47 -23.78 8.03
CA ARG A 208 2.55 -24.74 7.88
C ARG A 208 3.58 -24.62 9.02
N TYR A 209 3.42 -23.62 9.89
CA TYR A 209 4.37 -23.45 11.01
C TYR A 209 3.76 -23.65 12.39
N VAL A 210 2.58 -23.07 12.59
CA VAL A 210 1.91 -23.08 13.89
C VAL A 210 0.42 -23.30 13.73
N LYS A 211 -0.22 -23.82 14.78
CA LYS A 211 -1.68 -23.99 14.79
C LYS A 211 -2.45 -22.69 14.67
N LYS A 212 -1.91 -21.60 15.19
CA LYS A 212 -2.64 -20.30 15.14
C LYS A 212 -1.67 -19.20 14.84
N LEU A 213 -2.17 -18.14 14.18
CA LEU A 213 -1.31 -17.00 13.86
C LEU A 213 -0.74 -16.32 15.10
N GLY A 214 -1.59 -16.05 16.10
CA GLY A 214 -1.15 -15.58 17.42
C GLY A 214 0.03 -16.30 18.08
N ASP A 215 0.20 -17.59 17.80
CA ASP A 215 1.34 -18.35 18.32
C ASP A 215 2.72 -17.77 18.02
N PHE A 216 2.86 -17.03 16.92
CA PHE A 216 4.13 -16.38 16.56
C PHE A 216 4.60 -15.31 17.54
N ALA A 217 3.69 -14.85 18.41
CA ALA A 217 4.01 -13.96 19.51
C ALA A 217 4.65 -14.65 20.74
N LYS A 218 4.50 -15.96 20.88
CA LYS A 218 5.07 -16.69 22.03
C LYS A 218 6.56 -16.96 21.85
N PRO A 219 7.36 -16.80 22.93
CA PRO A 219 8.79 -16.91 22.70
C PRO A 219 9.21 -18.28 22.18
N GLU A 220 8.46 -19.34 22.52
CA GLU A 220 8.87 -20.70 22.16
C GLU A 220 8.77 -20.97 20.68
N ASN A 221 8.09 -20.08 19.94
CA ASN A 221 7.86 -20.27 18.52
C ASN A 221 8.67 -19.30 17.64
N ILE A 222 9.69 -18.65 18.21
CA ILE A 222 10.37 -17.58 17.53
C ILE A 222 11.07 -18.07 16.24
N ASP A 223 11.60 -19.31 16.26
CA ASP A 223 12.31 -19.86 15.10
C ASP A 223 11.34 -20.06 13.94
N LEU A 224 10.16 -20.58 14.25
CA LEU A 224 9.12 -20.83 13.28
C LEU A 224 8.56 -19.51 12.78
N ALA A 225 8.42 -18.57 13.69
CA ALA A 225 7.94 -17.22 13.33
C ALA A 225 8.87 -16.59 12.32
N VAL A 226 10.18 -16.61 12.63
CA VAL A 226 11.17 -16.02 11.70
C VAL A 226 11.19 -16.71 10.35
N GLN A 227 11.06 -18.05 10.35
CA GLN A 227 10.98 -18.80 9.10
C GLN A 227 9.80 -18.37 8.22
N CYS A 228 8.64 -18.23 8.85
CA CYS A 228 7.42 -17.77 8.16
C CYS A 228 7.59 -16.36 7.67
N LEU A 229 8.20 -15.53 8.51
CA LEU A 229 8.49 -14.16 8.18
C LEU A 229 9.29 -14.16 6.86
N ASN A 230 10.38 -14.91 6.83
CA ASN A 230 11.29 -14.97 5.68
C ASN A 230 10.63 -15.50 4.42
N GLU A 231 9.75 -16.49 4.58
CA GLU A 231 8.96 -16.98 3.45
C GLU A 231 8.07 -15.87 2.84
N LEU A 232 7.37 -15.15 3.69
CA LEU A 232 6.52 -14.06 3.24
C LEU A 232 7.36 -12.96 2.61
N ILE A 233 8.49 -12.61 3.25
CA ILE A 233 9.38 -11.63 2.67
C ILE A 233 9.76 -12.01 1.26
N THR A 234 10.11 -13.28 1.10
CA THR A 234 10.55 -13.85 -0.16
C THR A 234 9.42 -13.75 -1.20
N ASN A 235 8.20 -14.01 -0.72
CA ASN A 235 6.99 -13.80 -1.50
C ASN A 235 6.88 -12.32 -1.95
N ALA A 236 7.03 -11.35 -1.03
CA ALA A 236 7.00 -9.92 -1.42
C ALA A 236 8.04 -9.52 -2.51
N LEU A 237 9.25 -10.08 -2.39
CA LEU A 237 10.35 -9.82 -3.34
C LEU A 237 10.03 -10.12 -4.81
N HIS A 238 9.08 -11.03 -5.08
CA HIS A 238 8.65 -11.35 -6.47
C HIS A 238 8.06 -10.16 -7.24
N HIS A 239 7.58 -9.15 -6.55
CA HIS A 239 7.03 -7.96 -7.21
C HIS A 239 8.07 -6.96 -7.70
N ILE A 240 9.32 -7.16 -7.30
CA ILE A 240 10.34 -6.14 -7.54
C ILE A 240 10.64 -5.98 -9.05
N PRO A 241 10.74 -7.09 -9.79
CA PRO A 241 10.96 -6.94 -11.23
C PRO A 241 9.90 -6.04 -11.86
N ASP A 242 8.62 -6.19 -11.46
CA ASP A 242 7.55 -5.31 -11.99
C ASP A 242 7.72 -3.88 -11.55
N VAL A 243 8.15 -3.69 -10.30
CA VAL A 243 8.40 -2.38 -9.74
C VAL A 243 9.47 -1.67 -10.53
N ILE A 244 10.55 -2.39 -10.81
CA ILE A 244 11.60 -1.87 -11.67
C ILE A 244 11.06 -1.53 -13.07
N THR A 245 10.36 -2.49 -13.72
CA THR A 245 9.75 -2.23 -15.04
C THR A 245 8.89 -0.99 -14.94
N TYR A 246 8.07 -0.89 -13.89
CA TYR A 246 7.11 0.18 -13.76
C TYR A 246 7.85 1.54 -13.69
N LEU A 247 8.82 1.61 -12.78
CA LEU A 247 9.59 2.80 -12.60
C LEU A 247 10.40 3.16 -13.85
N SER A 248 10.86 2.18 -14.62
CA SER A 248 11.71 2.46 -15.82
C SER A 248 10.96 3.25 -16.90
N ARG A 249 9.62 3.20 -16.83
CA ARG A 249 8.79 3.80 -17.87
C ARG A 249 8.47 5.26 -17.60
N LEU A 250 8.66 5.69 -16.37
CA LEU A 250 8.14 6.99 -15.95
C LEU A 250 9.06 8.09 -16.46
N ARG A 251 8.47 9.12 -17.03
CA ARG A 251 9.25 10.14 -17.74
C ARG A 251 9.13 11.47 -17.06
N ASN A 252 8.06 11.67 -16.29
CA ASN A 252 7.92 12.91 -15.53
C ASN A 252 8.67 12.77 -14.21
N GLN A 253 9.39 13.82 -13.78
CA GLN A 253 10.25 13.74 -12.60
C GLN A 253 9.45 13.69 -11.34
N SER A 254 8.46 14.60 -11.22
CA SER A 254 7.62 14.61 -10.05
C SER A 254 6.85 13.27 -9.87
N VAL A 255 6.48 12.63 -10.98
CA VAL A 255 5.79 11.31 -10.93
C VAL A 255 6.75 10.21 -10.54
N PHE A 256 7.91 10.20 -11.20
CA PHE A 256 9.00 9.33 -10.78
C PHE A 256 9.26 9.33 -9.26
N ASN A 257 9.54 10.49 -8.68
CA ASN A 257 9.81 10.60 -7.24
C ASN A 257 8.61 10.07 -6.42
N PHE A 258 7.41 10.53 -6.79
CA PHE A 258 6.15 10.07 -6.17
C PHE A 258 6.07 8.55 -6.09
N CYS A 259 6.49 7.90 -7.15
CA CYS A 259 6.36 6.47 -7.24
C CYS A 259 7.54 5.75 -6.60
N ALA A 260 8.77 6.25 -6.85
CA ALA A 260 9.98 5.59 -6.39
C ALA A 260 10.14 5.66 -4.88
N ILE A 261 9.65 6.72 -4.25
CA ILE A 261 9.96 6.95 -2.83
C ILE A 261 9.33 5.88 -1.94
N PRO A 262 8.03 5.54 -2.17
CA PRO A 262 7.47 4.57 -1.26
C PRO A 262 8.13 3.24 -1.53
N GLN A 263 8.51 2.95 -2.78
CA GLN A 263 9.13 1.67 -3.09
C GLN A 263 10.47 1.50 -2.37
N VAL A 264 11.31 2.52 -2.41
CA VAL A 264 12.63 2.40 -1.76
C VAL A 264 12.52 2.25 -0.24
N MET A 265 11.50 2.85 0.35
CA MET A 265 11.24 2.77 1.75
C MET A 265 10.80 1.36 2.09
N ALA A 266 9.95 0.78 1.25
CA ALA A 266 9.52 -0.59 1.49
C ALA A 266 10.67 -1.57 1.35
N ILE A 267 11.47 -1.39 0.30
CA ILE A 267 12.70 -2.20 0.11
C ILE A 267 13.56 -2.22 1.39
N ALA A 268 13.80 -1.03 1.98
CA ALA A 268 14.68 -0.92 3.14
C ALA A 268 14.03 -1.49 4.41
N THR A 269 12.69 -1.36 4.48
CA THR A 269 11.91 -1.94 5.59
C THR A 269 11.96 -3.47 5.49
N LEU A 270 11.76 -4.02 4.29
CA LEU A 270 11.85 -5.48 4.14
C LEU A 270 13.22 -5.99 4.59
N ALA A 271 14.29 -5.35 4.09
CA ALA A 271 15.66 -5.81 4.42
C ALA A 271 15.84 -5.74 5.91
N ALA A 272 15.28 -4.69 6.50
CA ALA A 272 15.22 -4.55 7.98
C ALA A 272 14.47 -5.66 8.71
N CYS A 273 13.37 -6.13 8.13
CA CYS A 273 12.60 -7.21 8.70
C CYS A 273 13.19 -8.59 8.38
N TYR A 274 14.06 -8.69 7.37
CA TYR A 274 14.52 -10.01 6.97
C TYR A 274 15.25 -10.68 8.14
N ASN A 275 14.79 -11.87 8.52
CA ASN A 275 15.45 -12.69 9.56
C ASN A 275 15.52 -11.99 10.91
N ASN A 276 14.62 -11.04 11.13
CA ASN A 276 14.67 -10.22 12.28
C ASN A 276 13.65 -10.64 13.34
N GLN A 277 14.15 -11.15 14.45
CA GLN A 277 13.28 -11.60 15.53
C GLN A 277 12.43 -10.48 16.10
N GLN A 278 12.88 -9.24 15.95
CA GLN A 278 12.19 -8.07 16.52
C GLN A 278 10.82 -7.80 15.94
N VAL A 279 10.57 -8.25 14.71
CA VAL A 279 9.21 -8.21 14.10
C VAL A 279 8.12 -8.75 15.04
N PHE A 280 8.46 -9.79 15.82
CA PHE A 280 7.50 -10.47 16.71
C PHE A 280 7.47 -9.89 18.13
N LYS A 281 8.20 -8.80 18.33
CA LYS A 281 8.31 -8.13 19.62
C LYS A 281 7.90 -6.65 19.52
N GLY A 282 7.77 -6.14 18.29
CA GLY A 282 7.39 -4.75 18.12
C GLY A 282 7.53 -4.28 16.67
N ALA A 283 7.44 -2.96 16.50
CA ALA A 283 7.42 -2.34 15.19
C ALA A 283 8.84 -2.02 14.77
N VAL A 284 9.26 -2.67 13.69
CA VAL A 284 10.53 -2.44 13.06
C VAL A 284 10.36 -1.37 11.99
N LYS A 285 11.20 -0.35 12.05
CA LYS A 285 11.03 0.86 11.28
C LYS A 285 12.41 1.31 10.94
N ILE A 286 12.58 1.82 9.74
CA ILE A 286 13.89 2.32 9.37
C ILE A 286 14.08 3.63 10.12
N ARG A 287 15.33 4.00 10.36
CA ARG A 287 15.61 5.26 11.06
C ARG A 287 15.19 6.47 10.21
N LYS A 288 14.79 7.55 10.86
CA LYS A 288 14.41 8.77 10.14
C LYS A 288 15.46 9.28 9.13
N GLY A 289 16.73 9.34 9.53
CA GLY A 289 17.78 9.88 8.67
C GLY A 289 18.06 8.98 7.50
N GLN A 290 17.93 7.68 7.74
CA GLN A 290 17.96 6.70 6.68
C GLN A 290 16.84 6.98 5.68
N ALA A 291 15.63 7.16 6.19
CA ALA A 291 14.48 7.41 5.31
C ALA A 291 14.70 8.67 4.47
N VAL A 292 15.19 9.74 5.12
CA VAL A 292 15.43 11.01 4.44
C VAL A 292 16.42 10.85 3.29
N THR A 293 17.55 10.20 3.54
CA THR A 293 18.52 9.92 2.45
C THR A 293 17.95 9.11 1.28
N LEU A 294 17.20 8.04 1.56
CA LEU A 294 16.56 7.29 0.47
C LEU A 294 15.60 8.14 -0.34
N MET A 295 14.81 8.97 0.33
CA MET A 295 13.87 9.83 -0.38
C MET A 295 14.62 10.81 -1.32
N MET A 296 15.72 11.36 -0.82
CA MET A 296 16.49 12.33 -1.58
C MET A 296 17.22 11.66 -2.75
N ASP A 297 17.58 10.39 -2.58
CA ASP A 297 18.31 9.64 -3.60
C ASP A 297 17.42 9.14 -4.75
N ALA A 298 16.14 8.88 -4.45
CA ALA A 298 15.30 8.11 -5.33
C ALA A 298 14.70 8.97 -6.44
N THR A 299 15.55 9.41 -7.38
CA THR A 299 15.13 10.44 -8.33
C THR A 299 15.49 10.08 -9.76
N ASN A 300 16.16 8.94 -9.92
CA ASN A 300 16.46 8.36 -11.21
C ASN A 300 16.60 6.85 -11.14
N MET A 301 16.41 6.18 -12.27
CA MET A 301 16.54 4.71 -12.29
C MET A 301 17.90 4.17 -11.84
N PRO A 302 19.02 4.74 -12.37
CA PRO A 302 20.26 4.16 -11.87
C PRO A 302 20.33 4.15 -10.36
N ALA A 303 19.88 5.23 -9.69
CA ALA A 303 19.99 5.35 -8.24
C ALA A 303 19.06 4.42 -7.49
N VAL A 304 17.83 4.29 -8.00
CA VAL A 304 16.85 3.39 -7.41
C VAL A 304 17.30 1.95 -7.58
N LYS A 305 17.83 1.63 -8.75
CA LYS A 305 18.38 0.27 -8.97
C LYS A 305 19.53 -0.08 -8.03
N ALA A 306 20.43 0.88 -7.76
CA ALA A 306 21.54 0.64 -6.81
C ALA A 306 21.02 0.39 -5.40
N ILE A 307 20.05 1.22 -4.98
CA ILE A 307 19.40 1.04 -3.69
C ILE A 307 18.81 -0.38 -3.60
N ILE A 308 17.97 -0.75 -4.55
CA ILE A 308 17.38 -2.07 -4.59
C ILE A 308 18.50 -3.13 -4.48
N TYR A 309 19.51 -3.05 -5.36
CA TYR A 309 20.59 -4.06 -5.35
C TYR A 309 21.34 -4.13 -4.04
N GLN A 310 21.62 -2.98 -3.43
CA GLN A 310 22.31 -2.95 -2.16
C GLN A 310 21.52 -3.62 -1.04
N TYR A 311 20.22 -3.33 -0.94
CA TYR A 311 19.47 -3.96 0.12
C TYR A 311 19.22 -5.43 -0.18
N MET A 312 19.07 -5.77 -1.47
CA MET A 312 18.93 -7.19 -1.87
C MET A 312 20.21 -8.01 -1.58
N GLU A 313 21.38 -7.41 -1.76
CA GLU A 313 22.67 -8.04 -1.40
C GLU A 313 22.75 -8.26 0.09
N GLU A 314 22.26 -7.27 0.83
CA GLU A 314 22.24 -7.38 2.26
C GLU A 314 21.38 -8.54 2.73
N ILE A 315 20.16 -8.65 2.19
CA ILE A 315 19.29 -9.78 2.51
C ILE A 315 19.99 -11.08 2.13
N TYR A 316 20.50 -11.13 0.90
CA TYR A 316 21.17 -12.32 0.37
C TYR A 316 22.25 -12.86 1.29
N HIS A 317 23.11 -11.99 1.80
CA HIS A 317 24.19 -12.46 2.68
C HIS A 317 23.74 -12.77 4.11
N ARG A 318 22.46 -12.54 4.37
CA ARG A 318 21.89 -12.80 5.68
C ARG A 318 21.06 -14.07 5.70
N ILE A 319 20.86 -14.69 4.54
CA ILE A 319 19.98 -15.85 4.41
C ILE A 319 20.62 -17.01 5.18
N PRO A 320 19.87 -17.62 6.13
CA PRO A 320 20.41 -18.80 6.80
C PRO A 320 20.35 -19.99 5.86
N ASP A 321 21.45 -20.75 5.77
CA ASP A 321 21.42 -22.02 5.03
C ASP A 321 20.21 -22.88 5.31
N SER A 322 19.78 -22.95 6.57
CA SER A 322 18.73 -23.87 6.99
C SER A 322 17.33 -23.27 6.83
N ASP A 323 17.25 -22.01 6.43
CA ASP A 323 15.94 -21.38 6.29
C ASP A 323 15.22 -22.15 5.20
N PRO A 324 13.98 -22.63 5.47
CA PRO A 324 13.31 -23.49 4.49
C PRO A 324 12.98 -22.78 3.16
N SER A 325 13.20 -21.45 3.10
CA SER A 325 12.88 -20.72 1.89
C SER A 325 14.18 -20.28 1.17
N SER A 326 15.32 -20.77 1.66
CA SER A 326 16.58 -20.11 1.33
C SER A 326 16.91 -20.17 -0.17
N SER A 327 16.59 -21.27 -0.83
CA SER A 327 16.84 -21.30 -2.26
C SER A 327 15.86 -20.41 -3.04
N LYS A 328 14.65 -20.21 -2.53
CA LYS A 328 13.72 -19.32 -3.23
C LYS A 328 14.17 -17.86 -3.09
N THR A 329 14.58 -17.52 -1.87
CA THR A 329 15.04 -16.16 -1.58
C THR A 329 16.22 -15.84 -2.48
N ARG A 330 17.14 -16.79 -2.58
CA ARG A 330 18.32 -16.68 -3.47
C ARG A 330 17.95 -16.56 -4.96
N GLN A 331 17.07 -17.43 -5.48
CA GLN A 331 16.55 -17.34 -6.87
C GLN A 331 15.98 -15.94 -7.21
N ILE A 332 15.12 -15.41 -6.35
CA ILE A 332 14.45 -14.14 -6.69
C ILE A 332 15.44 -12.99 -6.65
N ILE A 333 16.32 -12.96 -5.65
CA ILE A 333 17.34 -11.92 -5.57
C ILE A 333 18.24 -12.02 -6.82
N SER A 334 18.61 -13.25 -7.19
CA SER A 334 19.40 -13.47 -8.40
C SER A 334 18.69 -12.89 -9.66
N THR A 335 17.39 -13.17 -9.82
CA THR A 335 16.61 -12.63 -10.92
C THR A 335 16.58 -11.11 -10.96
N ILE A 336 16.27 -10.50 -9.81
CA ILE A 336 16.22 -9.05 -9.69
C ILE A 336 17.56 -8.48 -10.18
N ARG A 337 18.67 -9.05 -9.68
CA ARG A 337 20.00 -8.48 -9.92
C ARG A 337 20.38 -8.52 -11.39
N THR A 338 19.82 -9.46 -12.13
CA THR A 338 20.27 -9.69 -13.50
C THR A 338 19.33 -9.11 -14.55
#